data_5CWI
#
_entry.id   5CWI
#
_cell.length_a   24.920
_cell.length_b   43.650
_cell.length_c   48.750
_cell.angle_alpha   116.560
_cell.angle_beta   90.720
_cell.angle_gamma   102.190
#
_symmetry.space_group_name_H-M   'P 1'
#
loop_
_entity.id
_entity.type
_entity.pdbx_description
1 polymer 'Designed helical repeat protein'
2 non-polymer 'PHOSPHATE ION'
3 water water
#
_entity_poly.entity_id   1
_entity_poly.type   'polypeptide(L)'
_entity_poly.pdbx_seq_one_letter_code
;MDIEKLCKKAESEAREARSKAEELRQRHPDSQAARDAQKLASQAEEAVKLACELAQEHPNADIAKLCIKAASEAAEAASK
AAELAQRHPDSQAARDAIKLASQAAEAVKLACELAQEHPNADIAKLCIKAASEAAEAASKAAELAQRHPDSQAARDAIKL
ASQAAEAVKLACELAQEHPNADIAKKCIKAASEAAEEASKAAEEAQRHPDSQKARDEIKEASQKAEEVKERCERAQEHPN
AWLEHHHHHH
;
_entity_poly.pdbx_strand_id   A
#
# COMPACT_ATOMS: atom_id res chain seq x y z
N ASP A 2 11.58 -1.18 22.75
CA ASP A 2 11.82 -0.66 21.41
C ASP A 2 10.66 -0.99 20.47
N ILE A 3 10.33 -2.28 20.40
CA ILE A 3 9.24 -2.76 19.55
C ILE A 3 7.91 -2.14 19.97
N GLU A 4 7.74 -2.00 21.28
CA GLU A 4 6.56 -1.39 21.87
C GLU A 4 6.29 -0.01 21.31
N LYS A 5 7.33 0.82 21.28
CA LYS A 5 7.21 2.19 20.77
C LYS A 5 6.90 2.22 19.27
N LEU A 6 7.46 1.27 18.53
CA LEU A 6 7.14 1.11 17.12
C LEU A 6 5.65 0.84 16.94
N CYS A 7 5.14 -0.11 17.74
N CYS A 7 5.14 -0.10 17.72
CA CYS A 7 3.73 -0.44 17.71
CA CYS A 7 3.71 -0.43 17.69
C CYS A 7 2.87 0.77 18.07
C CYS A 7 2.87 0.77 18.07
N LYS A 8 3.36 1.57 19.02
CA LYS A 8 2.65 2.78 19.45
C LYS A 8 2.58 3.80 18.31
N LYS A 9 3.69 3.96 17.60
CA LYS A 9 3.77 4.88 16.47
C LYS A 9 2.79 4.46 15.37
N ALA A 10 2.87 3.18 15.01
CA ALA A 10 1.95 2.61 14.02
C ALA A 10 0.49 2.86 14.43
N GLU A 11 0.21 2.58 15.70
CA GLU A 11 -1.12 2.81 16.26
C GLU A 11 -1.55 4.27 16.10
N SER A 12 -0.63 5.19 16.35
CA SER A 12 -0.93 6.61 16.24
C SER A 12 -1.25 7.00 14.80
N GLU A 13 -0.46 6.48 13.85
CA GLU A 13 -0.72 6.77 12.44
C GLU A 13 -2.08 6.22 11.99
N ALA A 14 -2.38 4.99 12.42
CA ALA A 14 -3.68 4.39 12.16
C ALA A 14 -4.79 5.27 12.73
N ARG A 15 -4.55 5.82 13.91
CA ARG A 15 -5.51 6.73 14.55
C ARG A 15 -5.69 8.01 13.75
N GLU A 16 -4.61 8.48 13.11
CA GLU A 16 -4.71 9.65 12.24
C GLU A 16 -5.63 9.34 11.06
N ALA A 17 -5.36 8.21 10.41
CA ALA A 17 -6.21 7.78 9.30
C ALA A 17 -7.69 7.67 9.70
N ARG A 18 -7.91 7.08 10.87
CA ARG A 18 -9.25 6.91 11.42
C ARG A 18 -9.91 8.25 11.69
N SER A 19 -9.13 9.21 12.17
N SER A 19 -9.13 9.21 12.17
CA SER A 19 -9.65 10.53 12.48
CA SER A 19 -9.64 10.54 12.47
C SER A 19 -10.10 11.25 11.20
C SER A 19 -10.11 11.24 11.21
N LYS A 20 -9.28 11.17 10.17
N LYS A 20 -9.29 11.17 10.16
CA LYS A 20 -9.66 11.77 8.89
CA LYS A 20 -9.67 11.79 8.89
C LYS A 20 -10.90 11.12 8.31
C LYS A 20 -10.91 11.12 8.29
N ALA A 21 -10.94 9.79 8.36
CA ALA A 21 -12.10 9.04 7.89
C ALA A 21 -13.36 9.44 8.64
N GLU A 22 -13.23 9.65 9.95
CA GLU A 22 -14.34 10.05 10.80
C GLU A 22 -14.79 11.46 10.47
N GLU A 23 -13.86 12.33 10.13
N GLU A 23 -13.86 12.33 10.11
CA GLU A 23 -14.19 13.67 9.68
CA GLU A 23 -14.22 13.67 9.68
C GLU A 23 -15.04 13.60 8.41
C GLU A 23 -15.04 13.61 8.40
N LEU A 24 -14.57 12.80 7.45
CA LEU A 24 -15.29 12.62 6.19
C LEU A 24 -16.70 12.08 6.41
N ARG A 25 -16.80 11.08 7.28
CA ARG A 25 -18.06 10.42 7.59
C ARG A 25 -19.02 11.38 8.30
N GLN A 26 -18.47 12.25 9.13
CA GLN A 26 -19.26 13.22 9.87
C GLN A 26 -19.80 14.30 8.93
N ARG A 27 -18.95 14.77 8.03
CA ARG A 27 -19.38 15.80 7.09
C ARG A 27 -20.41 15.29 6.08
N HIS A 28 -20.11 14.16 5.45
CA HIS A 28 -21.02 13.58 4.45
C HIS A 28 -21.15 12.08 4.62
N PRO A 29 -22.10 11.65 5.46
CA PRO A 29 -22.28 10.24 5.85
C PRO A 29 -22.51 9.29 4.67
N ASP A 30 -23.41 9.64 3.77
CA ASP A 30 -23.78 8.73 2.69
C ASP A 30 -22.87 8.88 1.47
N SER A 31 -21.77 9.59 1.65
CA SER A 31 -20.76 9.74 0.60
C SER A 31 -20.00 8.43 0.40
N GLN A 32 -19.75 8.07 -0.85
CA GLN A 32 -18.99 6.88 -1.18
C GLN A 32 -17.58 6.97 -0.64
N ALA A 33 -16.96 8.14 -0.82
CA ALA A 33 -15.60 8.38 -0.37
C ALA A 33 -15.48 8.25 1.14
N ALA A 34 -16.50 8.70 1.87
CA ALA A 34 -16.49 8.63 3.33
C ALA A 34 -16.51 7.18 3.82
N ARG A 35 -17.43 6.39 3.27
CA ARG A 35 -17.55 4.99 3.64
C ARG A 35 -16.27 4.22 3.28
N ASP A 36 -15.79 4.46 2.05
CA ASP A 36 -14.55 3.85 1.60
C ASP A 36 -13.39 4.19 2.54
N ALA A 37 -13.39 5.43 3.03
CA ALA A 37 -12.35 5.90 3.94
C ALA A 37 -12.47 5.21 5.30
N GLN A 38 -13.70 4.98 5.73
CA GLN A 38 -13.95 4.22 6.97
C GLN A 38 -13.37 2.81 6.86
N LYS A 39 -13.71 2.14 5.76
CA LYS A 39 -13.20 0.78 5.52
C LYS A 39 -11.67 0.77 5.46
N LEU A 40 -11.11 1.78 4.81
CA LEU A 40 -9.66 1.93 4.71
C LEU A 40 -9.01 2.06 6.08
N ALA A 41 -9.57 2.93 6.92
CA ALA A 41 -9.08 3.13 8.27
C ALA A 41 -9.13 1.81 9.04
N SER A 42 -10.25 1.09 8.88
CA SER A 42 -10.39 -0.22 9.51
C SER A 42 -9.27 -1.16 9.07
N GLN A 43 -8.96 -1.17 7.78
CA GLN A 43 -7.90 -2.05 7.28
C GLN A 43 -6.51 -1.67 7.78
N ALA A 44 -6.26 -0.37 7.89
CA ALA A 44 -4.99 0.12 8.44
C ALA A 44 -4.84 -0.35 9.89
N GLU A 45 -5.90 -0.14 10.67
CA GLU A 45 -5.92 -0.58 12.05
C GLU A 45 -5.70 -2.09 12.17
N GLU A 46 -6.34 -2.85 11.29
CA GLU A 46 -6.18 -4.30 11.27
C GLU A 46 -4.73 -4.69 11.00
N ALA A 47 -4.13 -4.07 9.99
CA ALA A 47 -2.74 -4.34 9.64
C ALA A 47 -1.81 -4.05 10.82
N VAL A 48 -2.01 -2.90 11.46
CA VAL A 48 -1.21 -2.54 12.63
C VAL A 48 -1.37 -3.56 13.76
N LYS A 49 -2.62 -3.94 14.03
CA LYS A 49 -2.93 -4.93 15.05
C LYS A 49 -2.20 -6.24 14.79
N LEU A 50 -2.28 -6.72 13.55
CA LEU A 50 -1.62 -7.96 13.17
C LEU A 50 -0.11 -7.85 13.34
N ALA A 51 0.46 -6.72 12.92
CA ALA A 51 1.90 -6.50 13.08
C ALA A 51 2.32 -6.58 14.55
N CYS A 52 1.56 -5.91 15.41
CA CYS A 52 1.90 -5.89 16.84
C CYS A 52 1.73 -7.28 17.48
N GLU A 53 0.69 -8.00 17.07
CA GLU A 53 0.49 -9.38 17.49
C GLU A 53 1.69 -10.25 17.12
N LEU A 54 2.14 -10.11 15.87
CA LEU A 54 3.31 -10.83 15.39
C LEU A 54 4.52 -10.48 16.25
N ALA A 55 4.62 -9.21 16.62
CA ALA A 55 5.69 -8.76 17.50
C ALA A 55 5.60 -9.46 18.86
N GLN A 56 4.38 -9.72 19.32
CA GLN A 56 4.20 -10.45 20.58
C GLN A 56 4.61 -11.92 20.42
N GLU A 57 4.33 -12.50 19.26
CA GLU A 57 4.65 -13.90 19.02
C GLU A 57 6.15 -14.13 18.77
N HIS A 58 6.82 -13.11 18.24
CA HIS A 58 8.23 -13.22 17.91
C HIS A 58 9.03 -12.02 18.39
N PRO A 59 9.35 -12.00 19.69
CA PRO A 59 10.12 -10.91 20.32
C PRO A 59 11.44 -10.63 19.61
N ASN A 60 11.74 -9.35 19.41
CA ASN A 60 12.94 -8.87 18.70
C ASN A 60 13.34 -9.70 17.48
N ALA A 61 12.36 -10.22 16.76
CA ALA A 61 12.62 -10.87 15.48
C ALA A 61 12.56 -9.84 14.38
N ASP A 62 13.39 -9.99 13.36
CA ASP A 62 13.43 -9.03 12.25
C ASP A 62 12.06 -8.96 11.56
N ILE A 63 11.43 -10.12 11.43
CA ILE A 63 10.11 -10.23 10.80
C ILE A 63 9.09 -9.30 11.48
N ALA A 64 9.22 -9.18 12.81
CA ALA A 64 8.28 -8.39 13.59
C ALA A 64 8.39 -6.90 13.29
N LYS A 65 9.61 -6.36 13.39
N LYS A 65 9.60 -6.37 13.39
CA LYS A 65 9.82 -4.95 13.15
CA LYS A 65 9.84 -4.96 13.15
C LYS A 65 9.59 -4.60 11.68
C LYS A 65 9.59 -4.61 11.68
N LEU A 66 9.89 -5.55 10.79
CA LEU A 66 9.62 -5.36 9.37
C LEU A 66 8.12 -5.21 9.12
N CYS A 67 7.34 -6.11 9.74
CA CYS A 67 5.89 -6.04 9.64
C CYS A 67 5.31 -4.76 10.25
N ILE A 68 5.85 -4.35 11.39
CA ILE A 68 5.37 -3.14 12.04
C ILE A 68 5.65 -1.91 11.17
N LYS A 69 6.85 -1.86 10.59
CA LYS A 69 7.19 -0.77 9.68
C LYS A 69 6.28 -0.77 8.45
N ALA A 70 6.02 -1.94 7.90
CA ALA A 70 5.09 -2.06 6.77
C ALA A 70 3.70 -1.53 7.12
N ALA A 71 3.20 -1.94 8.28
CA ALA A 71 1.87 -1.51 8.73
C ALA A 71 1.84 0.00 8.95
N SER A 72 2.94 0.56 9.44
CA SER A 72 3.07 2.00 9.61
C SER A 72 2.98 2.70 8.26
N GLU A 73 3.69 2.15 7.26
CA GLU A 73 3.64 2.71 5.92
C GLU A 73 2.22 2.67 5.35
N ALA A 74 1.53 1.55 5.58
CA ALA A 74 0.16 1.40 5.13
C ALA A 74 -0.75 2.44 5.79
N ALA A 75 -0.57 2.66 7.09
CA ALA A 75 -1.37 3.65 7.81
C ALA A 75 -1.10 5.05 7.27
N GLU A 76 0.17 5.34 6.97
CA GLU A 76 0.56 6.63 6.40
C GLU A 76 -0.12 6.86 5.04
N ALA A 77 -0.07 5.84 4.20
CA ALA A 77 -0.76 5.90 2.91
C ALA A 77 -2.26 6.13 3.07
N ALA A 78 -2.83 5.46 4.07
CA ALA A 78 -4.25 5.64 4.37
C ALA A 78 -4.55 7.09 4.72
N SER A 79 -3.73 7.65 5.60
N SER A 79 -3.74 7.65 5.61
CA SER A 79 -3.88 9.03 6.02
CA SER A 79 -3.91 9.04 6.02
C SER A 79 -3.80 10.00 4.84
C SER A 79 -3.82 10.00 4.84
N LYS A 80 -2.83 9.77 3.96
N LYS A 80 -2.84 9.77 3.96
CA LYS A 80 -2.65 10.63 2.79
CA LYS A 80 -2.66 10.64 2.81
C LYS A 80 -3.83 10.54 1.83
C LYS A 80 -3.83 10.54 1.83
N ALA A 81 -4.34 9.32 1.61
CA ALA A 81 -5.49 9.13 0.73
C ALA A 81 -6.74 9.80 1.30
N ALA A 82 -6.96 9.62 2.60
CA ALA A 82 -8.08 10.26 3.28
C ALA A 82 -7.99 11.79 3.19
N GLU A 83 -6.78 12.32 3.37
CA GLU A 83 -6.58 13.76 3.28
C GLU A 83 -6.86 14.26 1.86
N LEU A 84 -6.42 13.49 0.87
CA LEU A 84 -6.73 13.80 -0.53
C LEU A 84 -8.25 13.85 -0.72
N ALA A 85 -8.95 12.93 -0.08
CA ALA A 85 -10.41 12.91 -0.16
C ALA A 85 -11.03 14.13 0.52
N GLN A 86 -10.41 14.61 1.58
CA GLN A 86 -10.89 15.81 2.25
C GLN A 86 -10.68 17.07 1.40
N ARG A 87 -9.54 17.10 0.69
N ARG A 87 -9.54 17.10 0.69
CA ARG A 87 -9.21 18.26 -0.12
CA ARG A 87 -9.21 18.26 -0.12
C ARG A 87 -9.99 18.29 -1.43
C ARG A 87 -10.01 18.29 -1.42
N HIS A 88 -10.48 17.12 -1.85
CA HIS A 88 -11.23 17.01 -3.11
C HIS A 88 -12.44 16.10 -2.98
N PRO A 89 -13.56 16.65 -2.48
N PRO A 89 -13.58 16.66 -2.51
CA PRO A 89 -14.82 15.90 -2.42
CA PRO A 89 -14.79 15.90 -2.14
C PRO A 89 -15.39 15.66 -3.81
C PRO A 89 -15.31 14.94 -3.20
N ASP A 90 -16.17 14.59 -3.96
N ASP A 90 -15.73 15.45 -4.35
CA ASP A 90 -16.77 14.22 -5.24
CA ASP A 90 -16.37 14.62 -5.37
C ASP A 90 -15.73 14.02 -6.32
C ASP A 90 -15.38 14.00 -6.36
N SER A 91 -14.50 13.69 -5.92
N SER A 91 -14.10 14.01 -6.00
CA SER A 91 -13.41 13.47 -6.86
CA SER A 91 -13.06 13.54 -6.91
C SER A 91 -13.13 11.99 -7.04
C SER A 91 -13.02 12.02 -7.05
N GLN A 92 -13.09 11.55 -8.30
CA GLN A 92 -12.89 10.15 -8.60
C GLN A 92 -11.45 9.76 -8.28
N ALA A 93 -10.54 10.70 -8.45
CA ALA A 93 -9.12 10.46 -8.15
C ALA A 93 -8.92 10.17 -6.67
N ALA A 94 -9.68 10.86 -5.82
CA ALA A 94 -9.59 10.66 -4.38
C ALA A 94 -10.12 9.27 -4.00
N ARG A 95 -11.21 8.86 -4.65
CA ARG A 95 -11.76 7.54 -4.40
C ARG A 95 -10.77 6.46 -4.85
N ASP A 96 -10.13 6.70 -5.99
CA ASP A 96 -9.15 5.75 -6.52
C ASP A 96 -7.93 5.67 -5.60
N ALA A 97 -7.56 6.80 -5.00
CA ALA A 97 -6.46 6.83 -4.05
C ALA A 97 -6.83 6.06 -2.77
N ILE A 98 -8.06 6.24 -2.32
CA ILE A 98 -8.55 5.49 -1.17
C ILE A 98 -8.50 3.98 -1.44
N LYS A 99 -9.00 3.59 -2.61
CA LYS A 99 -8.94 2.18 -3.02
C LYS A 99 -7.51 1.67 -3.06
N LEU A 100 -6.61 2.50 -3.58
CA LEU A 100 -5.18 2.16 -3.62
C LEU A 100 -4.61 1.91 -2.23
N ALA A 101 -4.87 2.83 -1.31
CA ALA A 101 -4.40 2.68 0.06
C ALA A 101 -4.98 1.42 0.69
N SER A 102 -6.21 1.10 0.33
N SER A 102 -6.21 1.10 0.33
CA SER A 102 -6.88 -0.11 0.79
CA SER A 102 -6.87 -0.11 0.80
C SER A 102 -6.13 -1.35 0.30
C SER A 102 -6.13 -1.36 0.30
N GLN A 103 -5.77 -1.35 -0.98
CA GLN A 103 -5.03 -2.47 -1.57
C GLN A 103 -3.67 -2.65 -0.92
N ALA A 104 -2.99 -1.54 -0.65
CA ALA A 104 -1.71 -1.58 0.04
C ALA A 104 -1.86 -2.17 1.44
N ALA A 105 -2.89 -1.70 2.16
CA ALA A 105 -3.20 -2.23 3.48
C ALA A 105 -3.42 -3.74 3.44
N GLU A 106 -4.22 -4.18 2.47
CA GLU A 106 -4.50 -5.60 2.28
C GLU A 106 -3.22 -6.41 2.01
N ALA A 107 -2.35 -5.85 1.19
CA ALA A 107 -1.08 -6.50 0.88
C ALA A 107 -0.25 -6.67 2.15
N VAL A 108 -0.19 -5.62 2.96
CA VAL A 108 0.56 -5.69 4.22
C VAL A 108 -0.05 -6.72 5.17
N LYS A 109 -1.38 -6.74 5.24
N LYS A 109 -1.38 -6.75 5.23
CA LYS A 109 -2.09 -7.71 6.07
CA LYS A 109 -2.08 -7.73 6.05
C LYS A 109 -1.73 -9.13 5.66
C LYS A 109 -1.73 -9.15 5.63
N LEU A 110 -1.75 -9.39 4.35
N LEU A 110 -1.77 -9.41 4.32
CA LEU A 110 -1.45 -10.71 3.82
CA LEU A 110 -1.43 -10.73 3.79
C LEU A 110 0.00 -11.11 4.09
C LEU A 110 0.00 -11.11 4.09
N ALA A 111 0.92 -10.16 3.94
CA ALA A 111 2.33 -10.42 4.22
C ALA A 111 2.55 -10.74 5.70
N CYS A 112 1.82 -10.05 6.56
CA CYS A 112 1.88 -10.32 8.00
C CYS A 112 1.31 -11.69 8.35
N GLU A 113 0.23 -12.08 7.68
CA GLU A 113 -0.35 -13.40 7.89
C GLU A 113 0.62 -14.49 7.46
N LEU A 114 1.24 -14.28 6.31
CA LEU A 114 2.26 -15.22 5.81
C LEU A 114 3.43 -15.32 6.78
N ALA A 115 3.83 -14.19 7.34
CA ALA A 115 4.92 -14.16 8.31
C ALA A 115 4.52 -14.91 9.59
N GLN A 116 3.25 -14.81 9.96
CA GLN A 116 2.76 -15.51 11.14
C GLN A 116 2.75 -17.01 10.89
N GLU A 117 2.43 -17.41 9.67
CA GLU A 117 2.40 -18.82 9.29
C GLU A 117 3.81 -19.39 9.11
N HIS A 118 4.70 -18.61 8.52
CA HIS A 118 6.06 -19.06 8.24
C HIS A 118 7.10 -18.01 8.65
N PRO A 119 7.33 -17.85 9.95
CA PRO A 119 8.18 -16.78 10.49
C PRO A 119 9.65 -16.90 10.11
N ASN A 120 10.10 -18.10 9.77
CA ASN A 120 11.51 -18.34 9.48
C ASN A 120 11.79 -18.60 8.02
N ALA A 121 10.81 -18.29 7.17
CA ALA A 121 10.97 -18.43 5.74
C ALA A 121 11.38 -17.11 5.11
N ASP A 122 12.36 -17.15 4.20
CA ASP A 122 12.81 -15.95 3.52
C ASP A 122 11.69 -15.34 2.68
N ILE A 123 10.76 -16.19 2.25
CA ILE A 123 9.63 -15.73 1.46
C ILE A 123 8.78 -14.76 2.27
N ALA A 124 8.76 -14.93 3.59
CA ALA A 124 8.02 -14.02 4.46
C ALA A 124 8.63 -12.62 4.43
N LYS A 125 9.95 -12.55 4.59
CA LYS A 125 10.66 -11.28 4.53
C LYS A 125 10.52 -10.61 3.15
N LEU A 126 10.60 -11.43 2.10
CA LEU A 126 10.40 -10.93 0.74
C LEU A 126 9.02 -10.31 0.59
N CYS A 127 8.02 -11.01 1.12
CA CYS A 127 6.64 -10.55 0.99
C CYS A 127 6.38 -9.29 1.80
N ILE A 128 6.95 -9.21 2.99
N ILE A 128 6.97 -9.18 2.98
CA ILE A 128 6.83 -8.02 3.82
CA ILE A 128 6.75 -7.99 3.79
C ILE A 128 7.47 -6.82 3.12
C ILE A 128 7.51 -6.79 3.18
N LYS A 129 8.64 -7.06 2.52
CA LYS A 129 9.36 -6.00 1.82
C LYS A 129 8.54 -5.50 0.63
N ALA A 130 8.00 -6.43 -0.15
CA ALA A 130 7.15 -6.09 -1.29
C ALA A 130 5.93 -5.29 -0.84
N ALA A 131 5.30 -5.73 0.24
CA ALA A 131 4.12 -5.04 0.78
C ALA A 131 4.47 -3.63 1.24
N SER A 132 5.62 -3.48 1.87
N SER A 132 5.61 -3.49 1.88
N SER A 132 5.62 -3.49 1.87
CA SER A 132 6.07 -2.17 2.34
CA SER A 132 6.09 -2.19 2.33
CA SER A 132 6.10 -2.19 2.33
C SER A 132 6.34 -1.23 1.16
C SER A 132 6.31 -1.25 1.15
C SER A 132 6.31 -1.25 1.15
N GLU A 133 6.91 -1.78 0.09
CA GLU A 133 7.16 -0.98 -1.11
C GLU A 133 5.85 -0.60 -1.80
N ALA A 134 4.87 -1.48 -1.75
CA ALA A 134 3.55 -1.19 -2.28
C ALA A 134 2.91 -0.05 -1.49
N ALA A 135 3.03 -0.10 -0.17
CA ALA A 135 2.51 0.97 0.68
C ALA A 135 3.19 2.30 0.41
N GLU A 136 4.52 2.27 0.28
N GLU A 136 4.52 2.27 0.27
CA GLU A 136 5.30 3.45 -0.03
CA GLU A 136 5.28 3.48 -0.02
C GLU A 136 4.87 4.06 -1.36
C GLU A 136 4.87 4.07 -1.37
N ALA A 137 4.66 3.20 -2.36
CA ALA A 137 4.21 3.64 -3.67
C ALA A 137 2.83 4.30 -3.57
N ALA A 138 1.96 3.70 -2.76
CA ALA A 138 0.64 4.29 -2.50
C ALA A 138 0.77 5.70 -1.91
N SER A 139 1.64 5.82 -0.92
CA SER A 139 1.90 7.12 -0.28
C SER A 139 2.38 8.16 -1.29
N LYS A 140 3.35 7.79 -2.11
CA LYS A 140 3.93 8.73 -3.06
C LYS A 140 2.93 9.13 -4.15
N ALA A 141 2.10 8.17 -4.57
CA ALA A 141 1.05 8.46 -5.54
C ALA A 141 0.04 9.43 -4.94
N ALA A 142 -0.31 9.22 -3.67
CA ALA A 142 -1.21 10.12 -2.98
C ALA A 142 -0.62 11.53 -2.85
N GLU A 143 0.68 11.60 -2.54
CA GLU A 143 1.41 12.87 -2.48
C GLU A 143 1.34 13.61 -3.80
N LEU A 144 1.61 12.87 -4.88
CA LEU A 144 1.55 13.44 -6.22
C LEU A 144 0.15 13.97 -6.52
N ALA A 145 -0.86 13.20 -6.14
CA ALA A 145 -2.24 13.61 -6.37
C ALA A 145 -2.59 14.87 -5.59
N GLN A 146 -2.09 14.99 -4.37
CA GLN A 146 -2.32 16.21 -3.59
C GLN A 146 -1.61 17.40 -4.22
N ARG A 147 -0.41 17.15 -4.74
CA ARG A 147 0.42 18.20 -5.31
C ARG A 147 -0.14 18.70 -6.65
N HIS A 148 -0.64 17.77 -7.46
CA HIS A 148 -1.24 18.12 -8.75
C HIS A 148 -2.54 17.34 -8.97
N PRO A 149 -3.64 17.81 -8.37
CA PRO A 149 -4.95 17.15 -8.27
C PRO A 149 -5.49 16.54 -9.57
N ASP A 150 -5.56 17.32 -10.64
CA ASP A 150 -6.22 16.87 -11.86
C ASP A 150 -5.24 16.45 -12.94
N SER A 151 -4.00 16.19 -12.55
CA SER A 151 -2.96 15.90 -13.54
C SER A 151 -3.01 14.46 -14.03
N GLN A 152 -2.65 14.28 -15.30
CA GLN A 152 -2.53 12.95 -15.88
C GLN A 152 -1.51 12.13 -15.12
N ALA A 153 -0.44 12.78 -14.68
CA ALA A 153 0.62 12.13 -13.92
C ALA A 153 0.08 11.50 -12.64
N ALA A 154 -0.76 12.23 -11.93
CA ALA A 154 -1.36 11.73 -10.68
C ALA A 154 -2.23 10.51 -10.92
N ARG A 155 -3.09 10.58 -11.93
N ARG A 155 -3.09 10.60 -11.93
CA ARG A 155 -3.99 9.47 -12.25
CA ARG A 155 -3.99 9.51 -12.29
C ARG A 155 -3.21 8.24 -12.65
C ARG A 155 -3.22 8.25 -12.66
N ASP A 156 -2.23 8.42 -13.53
CA ASP A 156 -1.40 7.31 -13.97
C ASP A 156 -0.60 6.69 -12.82
N ALA A 157 -0.12 7.54 -11.92
CA ALA A 157 0.64 7.09 -10.76
C ALA A 157 -0.25 6.26 -9.83
N ILE A 158 -1.48 6.74 -9.61
CA ILE A 158 -2.42 6.01 -8.76
C ILE A 158 -2.75 4.65 -9.38
N LYS A 159 -3.05 4.65 -10.68
N LYS A 159 -3.06 4.66 -10.67
CA LYS A 159 -3.35 3.41 -11.38
CA LYS A 159 -3.33 3.44 -11.42
C LYS A 159 -2.19 2.41 -11.30
C LYS A 159 -2.18 2.43 -11.28
N LEU A 160 -0.98 2.90 -11.57
CA LEU A 160 0.22 2.07 -11.51
C LEU A 160 0.44 1.49 -10.12
N ALA A 161 0.32 2.34 -9.10
CA ALA A 161 0.51 1.91 -7.72
C ALA A 161 -0.53 0.86 -7.36
N SER A 162 -1.74 1.00 -7.88
N SER A 162 -1.74 1.00 -7.88
CA SER A 162 -2.79 0.02 -7.66
CA SER A 162 -2.79 0.02 -7.64
C SER A 162 -2.43 -1.31 -8.29
C SER A 162 -2.43 -1.33 -8.29
N GLN A 163 -1.96 -1.26 -9.53
CA GLN A 163 -1.52 -2.47 -10.23
C GLN A 163 -0.39 -3.19 -9.47
N ALA A 164 0.56 -2.41 -8.95
CA ALA A 164 1.67 -2.96 -8.20
C ALA A 164 1.20 -3.59 -6.89
N ALA A 165 0.25 -2.93 -6.23
CA ALA A 165 -0.33 -3.48 -5.01
C ALA A 165 -1.02 -4.81 -5.28
N GLU A 166 -1.76 -4.86 -6.39
CA GLU A 166 -2.44 -6.09 -6.80
C GLU A 166 -1.45 -7.21 -7.08
N ALA A 167 -0.35 -6.86 -7.75
CA ALA A 167 0.70 -7.82 -8.07
C ALA A 167 1.36 -8.37 -6.81
N VAL A 168 1.66 -7.50 -5.86
CA VAL A 168 2.22 -7.92 -4.58
C VAL A 168 1.25 -8.85 -3.85
N LYS A 169 -0.03 -8.49 -3.87
N LYS A 169 -0.02 -8.48 -3.88
CA LYS A 169 -1.05 -9.32 -3.24
CA LYS A 169 -1.10 -9.28 -3.30
C LYS A 169 -1.12 -10.72 -3.85
C LYS A 169 -1.13 -10.69 -3.86
N LEU A 170 -1.14 -10.79 -5.18
CA LEU A 170 -1.19 -12.07 -5.87
C LEU A 170 0.06 -12.92 -5.58
N ALA A 171 1.22 -12.28 -5.60
CA ALA A 171 2.47 -12.99 -5.33
C ALA A 171 2.50 -13.51 -3.90
N CYS A 172 1.94 -12.74 -2.97
CA CYS A 172 1.85 -13.15 -1.58
C CYS A 172 0.88 -14.32 -1.42
N GLU A 173 -0.19 -14.31 -2.20
CA GLU A 173 -1.13 -15.44 -2.19
C GLU A 173 -0.46 -16.72 -2.70
N LEU A 174 0.27 -16.57 -3.81
CA LEU A 174 1.03 -17.70 -4.36
C LEU A 174 2.03 -18.24 -3.34
N ALA A 175 2.70 -17.32 -2.66
CA ALA A 175 3.65 -17.69 -1.61
C ALA A 175 2.95 -18.42 -0.47
N GLN A 176 1.74 -17.99 -0.15
CA GLN A 176 0.96 -18.65 0.89
C GLN A 176 0.60 -20.07 0.45
N GLU A 177 0.36 -20.25 -0.84
CA GLU A 177 0.04 -21.57 -1.36
C GLU A 177 1.27 -22.46 -1.47
N HIS A 178 2.40 -21.88 -1.88
CA HIS A 178 3.64 -22.63 -2.06
C HIS A 178 4.85 -21.88 -1.50
N PRO A 179 5.03 -21.89 -0.18
CA PRO A 179 6.05 -21.08 0.50
C PRO A 179 7.51 -21.43 0.14
N ASN A 180 7.74 -22.65 -0.32
CA ASN A 180 9.10 -23.07 -0.68
C ASN A 180 9.39 -23.00 -2.19
N ALA A 181 8.38 -22.64 -2.97
CA ALA A 181 8.51 -22.70 -4.43
C ALA A 181 9.36 -21.56 -4.99
N ASP A 182 10.24 -21.90 -5.94
CA ASP A 182 11.06 -20.91 -6.62
C ASP A 182 10.19 -19.85 -7.29
N ILE A 183 9.09 -20.31 -7.89
CA ILE A 183 8.19 -19.42 -8.63
C ILE A 183 7.58 -18.35 -7.71
N ALA A 184 7.34 -18.70 -6.46
CA ALA A 184 6.79 -17.73 -5.51
C ALA A 184 7.80 -16.61 -5.26
N LYS A 185 9.07 -16.98 -5.12
N LYS A 185 9.07 -16.99 -5.12
CA LYS A 185 10.14 -16.01 -4.92
CA LYS A 185 10.14 -16.01 -4.90
C LYS A 185 10.31 -15.11 -6.15
C LYS A 185 10.32 -15.12 -6.12
N LYS A 186 10.26 -15.72 -7.33
N LYS A 186 10.28 -15.72 -7.30
CA LYS A 186 10.37 -14.97 -8.57
CA LYS A 186 10.39 -14.94 -8.54
C LYS A 186 9.24 -13.95 -8.67
C LYS A 186 9.24 -13.95 -8.67
N CYS A 187 8.03 -14.40 -8.39
CA CYS A 187 6.85 -13.54 -8.46
C CYS A 187 6.92 -12.40 -7.46
N ILE A 188 7.31 -12.70 -6.22
CA ILE A 188 7.33 -11.65 -5.21
C ILE A 188 8.45 -10.64 -5.49
N LYS A 189 9.58 -11.11 -6.03
CA LYS A 189 10.65 -10.19 -6.40
C LYS A 189 10.23 -9.30 -7.57
N ALA A 190 9.54 -9.88 -8.55
CA ALA A 190 9.04 -9.12 -9.69
C ALA A 190 8.03 -8.05 -9.24
N ALA A 191 7.11 -8.44 -8.37
CA ALA A 191 6.12 -7.51 -7.83
C ALA A 191 6.80 -6.39 -7.06
N SER A 192 7.82 -6.76 -6.29
CA SER A 192 8.63 -5.79 -5.57
C SER A 192 9.22 -4.77 -6.52
N GLU A 193 9.83 -5.26 -7.60
CA GLU A 193 10.42 -4.36 -8.61
C GLU A 193 9.37 -3.43 -9.20
N ALA A 194 8.19 -3.97 -9.49
CA ALA A 194 7.09 -3.13 -9.98
C ALA A 194 6.75 -2.00 -9.00
N ALA A 195 6.60 -2.35 -7.72
CA ALA A 195 6.29 -1.34 -6.69
C ALA A 195 7.39 -0.28 -6.58
N GLU A 196 8.64 -0.73 -6.60
CA GLU A 196 9.79 0.17 -6.53
C GLU A 196 9.78 1.15 -7.69
N GLU A 197 9.55 0.64 -8.88
CA GLU A 197 9.51 1.51 -10.05
C GLU A 197 8.33 2.47 -9.97
N ALA A 198 7.21 2.02 -9.40
CA ALA A 198 6.06 2.91 -9.18
C ALA A 198 6.47 4.08 -8.28
N SER A 199 7.13 3.77 -7.18
CA SER A 199 7.61 4.80 -6.26
C SER A 199 8.57 5.77 -6.95
N LYS A 200 9.54 5.23 -7.68
CA LYS A 200 10.50 6.05 -8.41
C LYS A 200 9.81 7.00 -9.39
N ALA A 201 8.85 6.47 -10.14
CA ALA A 201 8.12 7.27 -11.11
C ALA A 201 7.33 8.38 -10.42
N ALA A 202 6.65 8.03 -9.32
CA ALA A 202 5.89 9.03 -8.56
C ALA A 202 6.80 10.14 -8.06
N GLU A 203 7.98 9.77 -7.57
CA GLU A 203 8.98 10.74 -7.12
C GLU A 203 9.40 11.65 -8.27
N GLU A 204 9.62 11.06 -9.44
CA GLU A 204 9.98 11.83 -10.63
C GLU A 204 8.90 12.86 -10.97
N ALA A 205 7.65 12.40 -11.00
CA ALA A 205 6.54 13.24 -11.43
C ALA A 205 6.19 14.30 -10.40
N GLN A 206 6.51 14.06 -9.13
CA GLN A 206 6.26 15.07 -8.10
C GLN A 206 7.03 16.35 -8.38
N ARG A 207 8.28 16.22 -8.81
CA ARG A 207 9.12 17.36 -9.10
C ARG A 207 8.84 17.90 -10.51
N HIS A 208 8.73 16.99 -11.46
CA HIS A 208 8.48 17.36 -12.85
C HIS A 208 7.29 16.59 -13.40
N PRO A 209 6.08 17.15 -13.24
CA PRO A 209 4.83 16.52 -13.68
C PRO A 209 4.82 16.15 -15.16
N ASP A 210 5.55 16.88 -15.97
CA ASP A 210 5.59 16.63 -17.41
C ASP A 210 6.82 15.82 -17.82
N SER A 211 7.41 15.12 -16.85
CA SER A 211 8.58 14.29 -17.14
C SER A 211 8.23 13.12 -18.05
N GLN A 212 8.86 13.08 -19.22
CA GLN A 212 8.65 11.98 -20.16
C GLN A 212 9.27 10.70 -19.61
N LYS A 213 10.36 10.85 -18.87
CA LYS A 213 11.03 9.72 -18.23
C LYS A 213 10.10 9.08 -17.20
N ALA A 214 9.37 9.92 -16.47
CA ALA A 214 8.37 9.44 -15.52
C ALA A 214 7.30 8.62 -16.23
N ARG A 215 6.85 9.13 -17.38
CA ARG A 215 5.84 8.42 -18.17
C ARG A 215 6.34 7.06 -18.65
N ASP A 216 7.59 7.03 -19.14
CA ASP A 216 8.18 5.79 -19.62
C ASP A 216 8.32 4.77 -18.49
N GLU A 217 8.75 5.25 -17.32
CA GLU A 217 8.86 4.41 -16.13
C GLU A 217 7.49 3.88 -15.72
N ILE A 218 6.46 4.69 -15.87
CA ILE A 218 5.10 4.26 -15.57
C ILE A 218 4.67 3.16 -16.53
N LYS A 219 4.94 3.35 -17.82
CA LYS A 219 4.66 2.32 -18.83
C LYS A 219 5.32 1.00 -18.45
N GLU A 220 6.64 1.06 -18.27
CA GLU A 220 7.44 -0.12 -17.94
C GLU A 220 6.91 -0.83 -16.71
N ALA A 221 6.73 -0.08 -15.62
CA ALA A 221 6.27 -0.64 -14.37
C ALA A 221 4.88 -1.27 -14.50
N SER A 222 4.02 -0.63 -15.28
N SER A 222 4.02 -0.63 -15.28
N SER A 222 4.02 -0.63 -15.28
CA SER A 222 2.67 -1.15 -15.53
CA SER A 222 2.67 -1.15 -15.53
CA SER A 222 2.67 -1.15 -15.53
C SER A 222 2.73 -2.48 -16.26
C SER A 222 2.73 -2.48 -16.26
C SER A 222 2.71 -2.47 -16.27
N GLN A 223 3.57 -2.55 -17.28
CA GLN A 223 3.73 -3.79 -18.04
C GLN A 223 4.30 -4.90 -17.16
N LYS A 224 5.21 -4.52 -16.26
N LYS A 224 5.20 -4.50 -16.26
CA LYS A 224 5.79 -5.47 -15.32
CA LYS A 224 5.80 -5.43 -15.30
C LYS A 224 4.72 -6.02 -14.38
C LYS A 224 4.74 -6.01 -14.37
N ALA A 225 3.90 -5.13 -13.84
CA ALA A 225 2.83 -5.53 -12.93
C ALA A 225 1.82 -6.44 -13.62
N GLU A 226 1.45 -6.09 -14.85
CA GLU A 226 0.51 -6.91 -15.60
C GLU A 226 1.11 -8.27 -15.94
N GLU A 227 2.41 -8.31 -16.19
CA GLU A 227 3.09 -9.58 -16.41
C GLU A 227 3.05 -10.44 -15.15
N VAL A 228 3.35 -9.83 -14.01
CA VAL A 228 3.28 -10.54 -12.72
C VAL A 228 1.89 -11.11 -12.49
N LYS A 229 0.88 -10.28 -12.69
CA LYS A 229 -0.51 -10.71 -12.50
C LYS A 229 -0.91 -11.78 -13.51
N GLU A 230 -0.23 -11.80 -14.65
CA GLU A 230 -0.54 -12.76 -15.71
C GLU A 230 0.14 -14.11 -15.49
N ARG A 231 1.28 -14.11 -14.81
CA ARG A 231 2.09 -15.30 -14.66
C ARG A 231 2.00 -15.95 -13.28
N CYS A 232 1.59 -15.17 -12.28
CA CYS A 232 1.67 -15.62 -10.89
C CYS A 232 0.32 -15.99 -10.29
N GLU A 233 -0.64 -16.37 -11.14
CA GLU A 233 -1.94 -16.80 -10.67
C GLU A 233 -1.85 -18.18 -10.01
N ARG A 234 -0.89 -18.98 -10.46
CA ARG A 234 -0.70 -20.34 -9.96
C ARG A 234 0.77 -20.73 -9.98
#